data_4ME3
#
_entry.id   4ME3
#
_cell.length_a   93.460
_cell.length_b   93.460
_cell.length_c   56.231
_cell.angle_alpha   90.000
_cell.angle_beta   90.000
_cell.angle_gamma   120.000
#
_symmetry.space_group_name_H-M   'P 61'
#
loop_
_entity.id
_entity.type
_entity.pdbx_description
1 polymer 'DNA replication licensing factor MCM related protein'
2 non-polymer 'ZINC ION'
3 water water
#
_entity_poly.entity_id   1
_entity_poly.type   'polypeptide(L)'
_entity_poly.pdbx_seq_one_letter_code
;HHHHHHMISSEVSEDRIKDLWRDFFRLYGYSDEINRIHQEYPEVRTLYVSFRDLEDYNWQFAGSILVSPEIYIRAGEEVI
LQDYLLDRVTQRFNIFNLRIKDLEEKNVAYRIRDIRSANIGTLISVSGIVRKNTEVFPKLKNAAFECSSCHGLTYVEQTE
NRLSEPQVCDHCGLSRGKDKIFFKLRPNLSEFIDVQKVEIQEDPETLEGGSQPQRITIITEDDLAGLLYPGNRVIVDGIL
RTEQRRQGNIPLTEFFTYLYAINVRKDV
;
_entity_poly.pdbx_strand_id   A
#
# COMPACT_ATOMS: atom_id res chain seq x y z
N SER A 13 8.89 17.42 6.59
CA SER A 13 9.86 16.49 7.17
C SER A 13 9.19 15.18 7.54
N GLU A 14 9.90 14.07 7.31
CA GLU A 14 9.38 12.75 7.65
C GLU A 14 9.27 12.59 9.16
N ASP A 15 10.24 13.13 9.89
CA ASP A 15 10.24 13.05 11.34
C ASP A 15 9.02 13.79 11.90
N ARG A 16 8.69 14.93 11.32
CA ARG A 16 7.55 15.71 11.77
C ARG A 16 6.24 14.96 11.51
N ILE A 17 6.16 14.29 10.37
CA ILE A 17 4.97 13.53 10.02
C ILE A 17 4.80 12.38 11.01
N LYS A 18 5.90 11.70 11.30
CA LYS A 18 5.86 10.59 12.26
C LYS A 18 5.47 11.08 13.65
N ASP A 19 5.99 12.24 14.05
CA ASP A 19 5.64 12.81 15.35
C ASP A 19 4.14 13.08 15.42
N LEU A 20 3.56 13.57 14.33
CA LEU A 20 2.13 13.83 14.28
C LEU A 20 1.31 12.54 14.44
N TRP A 21 1.74 11.47 13.76
CA TRP A 21 1.08 10.18 13.92
C TRP A 21 1.18 9.68 15.35
N ARG A 22 2.37 9.82 15.95
CA ARG A 22 2.58 9.34 17.31
C ARG A 22 1.58 9.93 18.29
N ASP A 23 1.43 11.25 18.25
CA ASP A 23 0.49 11.92 19.14
C ASP A 23 -0.95 11.52 18.81
N PHE A 24 -1.25 11.36 17.53
CA PHE A 24 -2.60 11.01 17.12
C PHE A 24 -3.04 9.66 17.68
N PHE A 25 -2.20 8.65 17.51
CA PHE A 25 -2.55 7.29 17.94
C PHE A 25 -2.88 7.29 19.42
N ARG A 26 -2.09 8.02 20.20
CA ARG A 26 -2.30 8.09 21.64
C ARG A 26 -3.54 8.88 22.00
N LEU A 27 -3.61 10.12 21.50
CA LEU A 27 -4.70 11.03 21.82
C LEU A 27 -6.07 10.43 21.55
N TYR A 28 -6.21 9.75 20.41
CA TYR A 28 -7.53 9.26 19.99
C TYR A 28 -7.79 7.80 20.33
N GLY A 29 -6.92 7.22 21.16
CA GLY A 29 -7.19 5.94 21.79
C GLY A 29 -6.94 4.73 20.92
N TYR A 30 -6.05 4.86 19.95
CA TYR A 30 -5.74 3.74 19.05
C TYR A 30 -4.73 2.77 19.66
N SER A 31 -4.02 3.21 20.70
CA SER A 31 -2.98 2.39 21.31
C SER A 31 -3.49 1.03 21.76
N ASP A 32 -4.69 1.00 22.35
CA ASP A 32 -5.25 -0.25 22.83
C ASP A 32 -5.51 -1.23 21.67
N GLU A 33 -6.06 -0.72 20.58
CA GLU A 33 -6.32 -1.57 19.42
C GLU A 33 -5.01 -2.09 18.83
N ILE A 34 -4.02 -1.20 18.75
CA ILE A 34 -2.72 -1.58 18.20
C ILE A 34 -2.08 -2.67 19.05
N ASN A 35 -2.20 -2.56 20.36
CA ASN A 35 -1.64 -3.56 21.25
C ASN A 35 -2.37 -4.91 21.15
N ARG A 36 -3.64 -4.88 20.76
CA ARG A 36 -4.38 -6.11 20.49
C ARG A 36 -3.88 -6.75 19.20
N ILE A 37 -3.60 -5.92 18.19
CA ILE A 37 -3.05 -6.40 16.93
C ILE A 37 -1.66 -6.99 17.18
N HIS A 38 -0.90 -6.33 18.05
CA HIS A 38 0.43 -6.78 18.42
C HIS A 38 0.44 -8.25 18.82
N GLN A 39 -0.58 -8.67 19.55
CA GLN A 39 -0.68 -10.04 20.04
C GLN A 39 -0.88 -11.06 18.91
N GLU A 40 -1.33 -10.59 17.76
CA GLU A 40 -1.66 -11.47 16.65
C GLU A 40 -0.80 -11.21 15.42
N TYR A 41 0.16 -10.30 15.55
CA TYR A 41 1.10 -10.01 14.48
C TYR A 41 2.07 -11.18 14.31
N PRO A 42 2.53 -11.45 13.07
CA PRO A 42 2.21 -10.77 11.81
C PRO A 42 0.98 -11.32 11.09
N GLU A 43 0.27 -12.26 11.70
CA GLU A 43 -0.93 -12.83 11.07
C GLU A 43 -2.00 -11.75 10.89
N VAL A 44 -2.10 -10.88 11.89
CA VAL A 44 -2.95 -9.69 11.79
C VAL A 44 -2.02 -8.48 11.69
N ARG A 45 -2.20 -7.67 10.65
CA ARG A 45 -1.26 -6.60 10.38
C ARG A 45 -1.91 -5.42 9.67
N THR A 46 -3.14 -5.10 10.08
CA THR A 46 -3.88 -3.98 9.53
C THR A 46 -4.55 -3.16 10.64
N LEU A 47 -4.48 -1.84 10.52
CA LEU A 47 -5.20 -0.94 11.40
C LEU A 47 -6.00 0.04 10.55
N TYR A 48 -7.29 0.16 10.84
CA TYR A 48 -8.11 1.19 10.23
C TYR A 48 -8.19 2.42 11.13
N VAL A 49 -7.92 3.58 10.55
CA VAL A 49 -8.01 4.85 11.27
C VAL A 49 -9.12 5.70 10.68
N SER A 50 -9.93 6.28 11.54
CA SER A 50 -11.08 7.07 11.09
C SER A 50 -10.65 8.45 10.61
N PHE A 51 -11.05 8.83 9.41
CA PHE A 51 -10.71 10.15 8.92
C PHE A 51 -11.38 11.21 9.77
N ARG A 52 -12.51 10.86 10.39
CA ARG A 52 -13.21 11.77 11.28
C ARG A 52 -12.31 12.15 12.47
N ASP A 53 -11.59 11.17 12.99
CA ASP A 53 -10.64 11.40 14.07
C ASP A 53 -9.48 12.27 13.59
N LEU A 54 -8.94 11.95 12.41
CA LEU A 54 -7.83 12.71 11.86
C LEU A 54 -8.19 14.18 11.66
N GLU A 55 -9.37 14.44 11.10
CA GLU A 55 -9.83 15.81 10.91
C GLU A 55 -9.94 16.56 12.24
N ASP A 56 -10.49 15.88 13.25
CA ASP A 56 -10.66 16.46 14.56
C ASP A 56 -9.31 16.78 15.21
N TYR A 57 -8.32 15.95 14.89
CA TYR A 57 -6.98 16.07 15.45
C TYR A 57 -6.25 17.30 14.91
N ASN A 58 -6.19 17.39 13.59
CA ASN A 58 -5.47 18.46 12.92
C ASN A 58 -5.90 18.45 11.46
N TRP A 59 -6.70 19.44 11.05
CA TRP A 59 -7.32 19.35 9.73
C TRP A 59 -6.29 19.57 8.61
N GLN A 60 -5.20 20.25 8.92
CA GLN A 60 -4.09 20.39 7.98
C GLN A 60 -3.43 19.03 7.72
N PHE A 61 -3.20 18.31 8.81
CA PHE A 61 -2.62 16.97 8.75
C PHE A 61 -3.56 16.05 7.98
N ALA A 62 -4.84 16.11 8.31
CA ALA A 62 -5.85 15.29 7.61
C ALA A 62 -5.85 15.58 6.11
N GLY A 63 -5.86 16.86 5.76
CA GLY A 63 -5.85 17.27 4.36
C GLY A 63 -4.59 16.83 3.63
N SER A 64 -3.46 16.85 4.32
CA SER A 64 -2.19 16.46 3.73
C SER A 64 -2.19 14.97 3.40
N ILE A 65 -2.86 14.17 4.23
CA ILE A 65 -3.00 12.74 3.97
C ILE A 65 -3.75 12.51 2.65
N LEU A 66 -4.75 13.32 2.36
CA LEU A 66 -5.51 13.18 1.12
C LEU A 66 -4.66 13.57 -0.09
N VAL A 67 -3.74 14.51 0.09
CA VAL A 67 -2.92 14.99 -1.01
C VAL A 67 -1.69 14.11 -1.27
N SER A 68 -1.09 13.59 -0.19
CA SER A 68 0.12 12.79 -0.29
C SER A 68 -0.03 11.49 0.51
N PRO A 69 -1.01 10.66 0.14
CA PRO A 69 -1.31 9.47 0.95
C PRO A 69 -0.16 8.47 1.04
N GLU A 70 0.60 8.26 -0.02
CA GLU A 70 1.68 7.26 0.05
C GLU A 70 2.70 7.63 1.12
N ILE A 71 3.12 8.89 1.12
CA ILE A 71 4.12 9.37 2.08
C ILE A 71 3.59 9.36 3.51
N TYR A 72 2.38 9.89 3.71
CA TYR A 72 1.81 10.00 5.04
C TYR A 72 1.41 8.65 5.63
N ILE A 73 0.85 7.78 4.80
CA ILE A 73 0.46 6.45 5.27
C ILE A 73 1.69 5.62 5.60
N ARG A 74 2.70 5.67 4.74
CA ARG A 74 3.95 4.94 5.02
C ARG A 74 4.55 5.39 6.36
N ALA A 75 4.53 6.70 6.62
CA ALA A 75 5.06 7.22 7.88
C ALA A 75 4.30 6.64 9.07
N GLY A 76 2.98 6.58 8.96
CA GLY A 76 2.16 6.02 10.02
C GLY A 76 2.49 4.57 10.27
N GLU A 77 2.69 3.82 9.19
CA GLU A 77 3.03 2.41 9.30
C GLU A 77 4.38 2.23 10.01
N GLU A 78 5.35 3.08 9.69
CA GLU A 78 6.65 3.03 10.34
C GLU A 78 6.54 3.25 11.84
N VAL A 79 5.71 4.20 12.24
CA VAL A 79 5.51 4.48 13.66
C VAL A 79 4.95 3.26 14.38
N ILE A 80 3.96 2.63 13.77
CA ILE A 80 3.37 1.42 14.33
C ILE A 80 4.42 0.31 14.45
N LEU A 81 5.21 0.12 13.39
CA LEU A 81 6.21 -0.94 13.38
C LEU A 81 7.34 -0.69 14.39
N GLN A 82 7.77 0.56 14.50
CA GLN A 82 8.90 0.92 15.35
C GLN A 82 8.51 1.09 16.82
N ASP A 83 7.39 1.75 17.06
CA ASP A 83 7.00 2.12 18.42
C ASP A 83 6.16 1.06 19.13
N TYR A 84 5.39 0.29 18.37
CA TYR A 84 4.43 -0.65 18.96
C TYR A 84 4.76 -2.12 18.74
N LEU A 85 5.19 -2.48 17.53
CA LEU A 85 5.31 -3.89 17.17
C LEU A 85 6.74 -4.40 17.14
N LEU A 86 7.69 -3.54 17.50
CA LEU A 86 9.10 -3.78 17.24
C LEU A 86 9.59 -5.16 17.68
N ASP A 87 9.11 -5.67 18.81
CA ASP A 87 9.61 -6.93 19.34
C ASP A 87 9.08 -8.15 18.59
N ARG A 88 8.18 -7.91 17.63
CA ARG A 88 7.66 -8.97 16.79
C ARG A 88 8.03 -8.72 15.32
N VAL A 89 8.82 -7.66 15.10
CA VAL A 89 9.26 -7.30 13.76
C VAL A 89 10.69 -7.77 13.51
N THR A 90 10.95 -8.28 12.30
CA THR A 90 12.29 -8.67 11.90
C THR A 90 12.60 -8.09 10.53
N GLN A 91 13.80 -8.35 10.02
CA GLN A 91 14.17 -7.86 8.69
C GLN A 91 13.23 -8.45 7.63
N ARG A 92 12.64 -9.60 7.94
CA ARG A 92 11.73 -10.27 7.02
C ARG A 92 10.27 -9.89 7.28
N PHE A 93 9.85 -9.99 8.53
CA PHE A 93 8.47 -9.74 8.90
C PHE A 93 8.29 -8.30 9.36
N ASN A 94 8.07 -7.40 8.39
CA ASN A 94 7.93 -5.99 8.68
C ASN A 94 6.81 -5.33 7.87
N ILE A 95 5.82 -6.13 7.46
CA ILE A 95 4.68 -5.61 6.72
C ILE A 95 3.58 -5.11 7.65
N PHE A 96 3.07 -3.91 7.37
CA PHE A 96 1.88 -3.43 8.06
C PHE A 96 1.03 -2.55 7.16
N ASN A 97 -0.28 -2.67 7.30
CA ASN A 97 -1.21 -1.87 6.52
C ASN A 97 -1.99 -0.89 7.38
N LEU A 98 -1.68 0.38 7.22
CA LEU A 98 -2.46 1.44 7.84
C LEU A 98 -3.48 1.89 6.79
N ARG A 99 -4.76 1.77 7.13
CA ARG A 99 -5.83 2.11 6.21
C ARG A 99 -6.70 3.22 6.76
N ILE A 100 -7.26 4.01 5.86
CA ILE A 100 -8.12 5.13 6.24
C ILE A 100 -9.57 4.76 5.95
N LYS A 101 -10.45 5.00 6.92
CA LYS A 101 -11.87 4.77 6.73
C LYS A 101 -12.65 6.04 7.07
N ASP A 102 -13.97 5.97 6.90
CA ASP A 102 -14.85 7.09 7.24
C ASP A 102 -14.55 8.35 6.42
N LEU A 103 -14.34 8.15 5.12
CA LEU A 103 -14.07 9.26 4.21
C LEU A 103 -15.34 9.77 3.52
N GLU A 104 -16.47 9.10 3.75
CA GLU A 104 -17.69 9.37 2.99
C GLU A 104 -18.22 10.79 3.17
N GLU A 105 -17.92 11.42 4.29
CA GLU A 105 -18.39 12.78 4.53
C GLU A 105 -17.44 13.80 3.89
N LYS A 106 -16.18 13.40 3.69
CA LYS A 106 -15.20 14.27 3.07
C LYS A 106 -15.26 14.14 1.55
N ALA A 109 -15.04 12.28 -3.45
CA ALA A 109 -15.81 11.37 -4.28
C ALA A 109 -15.81 11.85 -5.73
N TYR A 110 -15.58 10.92 -6.66
CA TYR A 110 -15.55 11.22 -8.09
C TYR A 110 -16.28 10.14 -8.90
N ARG A 111 -17.05 10.55 -9.89
CA ARG A 111 -17.54 9.61 -10.90
C ARG A 111 -16.31 9.18 -11.70
N ILE A 112 -16.29 7.93 -12.19
CA ILE A 112 -15.13 7.44 -12.94
C ILE A 112 -14.81 8.38 -14.10
N ARG A 113 -15.84 8.84 -14.80
CA ARG A 113 -15.67 9.69 -15.97
C ARG A 113 -15.17 11.09 -15.61
N ASP A 114 -15.23 11.45 -14.33
CA ASP A 114 -14.82 12.78 -13.89
C ASP A 114 -13.38 12.84 -13.38
N ILE A 115 -12.73 11.67 -13.31
CA ILE A 115 -11.35 11.61 -12.84
C ILE A 115 -10.43 12.30 -13.85
N ARG A 116 -9.46 13.06 -13.34
CA ARG A 116 -8.51 13.79 -14.20
C ARG A 116 -7.08 13.66 -13.67
N SER A 117 -6.13 14.15 -14.45
CA SER A 117 -4.71 14.03 -14.08
C SER A 117 -4.39 14.73 -12.76
N ALA A 118 -5.15 15.77 -12.43
CA ALA A 118 -4.93 16.50 -11.19
C ALA A 118 -5.16 15.61 -9.97
N ASN A 119 -5.88 14.51 -10.17
CA ASN A 119 -6.17 13.57 -9.09
C ASN A 119 -5.08 12.54 -8.87
N ILE A 120 -4.14 12.45 -9.81
CA ILE A 120 -3.10 11.42 -9.73
C ILE A 120 -2.24 11.60 -8.48
N GLY A 121 -2.07 10.51 -7.74
CA GLY A 121 -1.24 10.51 -6.56
C GLY A 121 -1.98 10.89 -5.29
N THR A 122 -3.27 11.17 -5.43
CA THR A 122 -4.10 11.58 -4.29
C THR A 122 -5.07 10.50 -3.87
N LEU A 123 -5.67 10.67 -2.70
CA LEU A 123 -6.63 9.71 -2.17
C LEU A 123 -8.04 10.16 -2.56
N ILE A 124 -8.70 9.38 -3.40
CA ILE A 124 -10.05 9.69 -3.84
C ILE A 124 -10.98 8.51 -3.59
N SER A 125 -12.27 8.75 -3.73
CA SER A 125 -13.27 7.69 -3.58
C SER A 125 -14.02 7.52 -4.89
N VAL A 126 -14.17 6.27 -5.33
CA VAL A 126 -14.84 5.96 -6.58
C VAL A 126 -15.86 4.86 -6.35
N SER A 127 -17.01 4.98 -7.00
CA SER A 127 -18.06 3.97 -6.87
C SER A 127 -18.36 3.34 -8.22
N GLY A 128 -18.88 2.11 -8.19
CA GLY A 128 -19.21 1.42 -9.42
C GLY A 128 -19.68 0.00 -9.19
N ILE A 129 -19.85 -0.73 -10.29
CA ILE A 129 -20.28 -2.11 -10.24
C ILE A 129 -19.14 -2.99 -10.73
N VAL A 130 -18.82 -4.05 -10.00
CA VAL A 130 -17.74 -4.93 -10.39
C VAL A 130 -18.14 -5.75 -11.63
N ARG A 131 -17.26 -5.77 -12.63
CA ARG A 131 -17.54 -6.47 -13.88
C ARG A 131 -16.62 -7.67 -14.09
N LYS A 132 -15.37 -7.54 -13.66
CA LYS A 132 -14.38 -8.58 -13.85
C LYS A 132 -13.44 -8.62 -12.67
N ASN A 133 -12.83 -9.78 -12.44
CA ASN A 133 -11.74 -9.88 -11.49
C ASN A 133 -10.74 -10.93 -11.93
N THR A 134 -9.50 -10.76 -11.53
CA THR A 134 -8.46 -11.74 -11.81
C THR A 134 -8.49 -12.80 -10.72
N GLU A 135 -7.70 -13.85 -10.92
CA GLU A 135 -7.40 -14.75 -9.84
C GLU A 135 -6.66 -13.97 -8.76
N VAL A 136 -6.62 -14.51 -7.56
CA VAL A 136 -5.76 -13.96 -6.53
C VAL A 136 -4.37 -14.58 -6.70
N PHE A 137 -3.36 -13.74 -6.89
CA PHE A 137 -2.01 -14.21 -7.16
C PHE A 137 -1.00 -13.58 -6.22
N PRO A 138 0.15 -14.24 -6.03
CA PRO A 138 1.15 -13.72 -5.09
C PRO A 138 2.08 -12.69 -5.74
N LYS A 139 2.40 -11.65 -4.98
CA LYS A 139 3.36 -10.65 -5.41
C LYS A 139 4.44 -10.52 -4.36
N LEU A 140 5.69 -10.48 -4.80
CA LEU A 140 6.83 -10.30 -3.92
C LEU A 140 6.72 -8.96 -3.21
N LYS A 141 6.78 -8.98 -1.88
CA LYS A 141 6.61 -7.76 -1.09
C LYS A 141 7.89 -7.39 -0.36
N ASN A 142 8.41 -8.31 0.44
CA ASN A 142 9.72 -8.13 1.04
C ASN A 142 10.66 -9.20 0.51
N ALA A 143 11.57 -8.79 -0.35
CA ALA A 143 12.43 -9.74 -1.08
C ALA A 143 13.74 -9.99 -0.36
N ALA A 144 14.06 -11.27 -0.16
CA ALA A 144 15.33 -11.67 0.42
C ALA A 144 16.39 -11.82 -0.66
N PHE A 145 17.53 -11.14 -0.50
CA PHE A 145 18.63 -11.24 -1.44
C PHE A 145 19.89 -11.76 -0.75
N GLU A 146 20.49 -12.80 -1.31
CA GLU A 146 21.69 -13.39 -0.71
C GLU A 146 22.96 -12.82 -1.34
N CYS A 147 23.85 -12.32 -0.49
CA CYS A 147 25.10 -11.72 -0.92
C CYS A 147 26.07 -12.78 -1.45
N SER A 148 26.63 -12.56 -2.62
CA SER A 148 27.55 -13.51 -3.22
C SER A 148 28.84 -13.66 -2.41
N SER A 149 29.12 -12.67 -1.56
CA SER A 149 30.35 -12.68 -0.78
C SER A 149 30.17 -13.33 0.60
N CYS A 150 29.34 -12.73 1.44
CA CYS A 150 29.15 -13.21 2.81
C CYS A 150 27.94 -14.13 2.94
N HIS A 151 27.15 -14.21 1.88
CA HIS A 151 25.96 -15.07 1.86
C HIS A 151 24.92 -14.64 2.90
N GLY A 152 25.03 -13.42 3.39
CA GLY A 152 24.04 -12.86 4.28
C GLY A 152 22.84 -12.39 3.50
N LEU A 153 21.74 -12.10 4.20
CA LEU A 153 20.50 -11.71 3.55
C LEU A 153 20.20 -10.23 3.70
N THR A 154 20.00 -9.56 2.56
CA THR A 154 19.53 -8.18 2.54
C THR A 154 18.11 -8.17 2.03
N TYR A 155 17.19 -7.62 2.82
CA TYR A 155 15.79 -7.55 2.42
C TYR A 155 15.49 -6.21 1.79
N VAL A 156 14.75 -6.23 0.67
CA VAL A 156 14.35 -5.01 -0.02
C VAL A 156 12.86 -5.03 -0.27
N GLU A 157 12.17 -4.00 0.22
CA GLU A 157 10.74 -3.87 -0.02
C GLU A 157 10.48 -3.63 -1.50
N GLN A 158 9.45 -4.27 -2.03
CA GLN A 158 9.10 -4.14 -3.43
C GLN A 158 7.88 -3.25 -3.59
N THR A 159 7.97 -2.28 -4.49
CA THR A 159 6.89 -1.32 -4.71
C THR A 159 6.49 -1.21 -6.18
N GLU A 160 7.27 -1.82 -7.06
CA GLU A 160 7.04 -1.71 -8.49
C GLU A 160 6.85 -3.08 -9.13
N ASN A 161 6.41 -3.08 -10.39
CA ASN A 161 6.21 -4.31 -11.13
C ASN A 161 7.54 -4.98 -11.46
N ARG A 162 8.59 -4.19 -11.57
CA ARG A 162 9.93 -4.71 -11.80
C ARG A 162 10.65 -4.91 -10.48
N LEU A 163 11.43 -5.97 -10.38
CA LEU A 163 12.15 -6.31 -9.16
C LEU A 163 13.17 -5.23 -8.79
N SER A 164 13.12 -4.76 -7.54
CA SER A 164 14.11 -3.83 -7.02
C SER A 164 15.20 -4.61 -6.29
N GLU A 165 16.43 -4.53 -6.80
CA GLU A 165 17.55 -5.24 -6.21
C GLU A 165 18.35 -4.31 -5.29
N PRO A 166 19.08 -4.88 -4.32
CA PRO A 166 19.95 -4.06 -3.48
C PRO A 166 21.26 -3.71 -4.18
N GLN A 167 21.88 -2.62 -3.75
CA GLN A 167 23.17 -2.21 -4.31
C GLN A 167 24.29 -2.60 -3.35
N VAL A 168 24.03 -2.44 -2.05
CA VAL A 168 25.02 -2.73 -1.02
C VAL A 168 24.47 -3.78 -0.04
N CYS A 169 25.36 -4.65 0.43
CA CYS A 169 24.99 -5.70 1.37
C CYS A 169 24.80 -5.14 2.78
N ASP A 170 23.69 -5.48 3.42
CA ASP A 170 23.42 -5.01 4.77
C ASP A 170 24.30 -5.68 5.82
N HIS A 171 24.97 -6.76 5.44
CA HIS A 171 25.74 -7.54 6.40
C HIS A 171 27.25 -7.32 6.31
N CYS A 172 27.77 -7.16 5.09
CA CYS A 172 29.22 -7.00 4.91
C CYS A 172 29.62 -5.65 4.32
N GLY A 173 28.64 -4.90 3.80
CA GLY A 173 28.90 -3.54 3.36
C GLY A 173 29.50 -3.40 1.96
N LEU A 174 29.77 -4.52 1.30
CA LEU A 174 30.26 -4.48 -0.07
C LEU A 174 29.11 -4.10 -1.01
N SER A 175 29.45 -3.63 -2.21
CA SER A 175 28.44 -3.22 -3.16
C SER A 175 28.69 -3.80 -4.54
N ARG A 176 27.68 -3.77 -5.39
CA ARG A 176 27.80 -4.30 -6.75
C ARG A 176 28.73 -3.44 -7.59
N GLY A 177 28.65 -2.13 -7.39
CA GLY A 177 29.40 -1.19 -8.22
C GLY A 177 30.89 -1.22 -7.97
N LYS A 178 31.29 -1.11 -6.71
CA LYS A 178 32.71 -1.00 -6.36
C LYS A 178 33.36 -2.36 -6.12
N ASP A 179 32.59 -3.31 -5.59
CA ASP A 179 33.14 -4.61 -5.22
C ASP A 179 32.68 -5.74 -6.15
N LYS A 180 31.81 -5.41 -7.10
CA LYS A 180 31.43 -6.35 -8.15
C LYS A 180 30.69 -7.59 -7.64
N ILE A 181 30.14 -7.51 -6.43
CA ILE A 181 29.36 -8.62 -5.89
C ILE A 181 28.01 -8.67 -6.58
N PHE A 182 27.32 -9.81 -6.47
CA PHE A 182 25.99 -9.95 -7.03
C PHE A 182 25.03 -10.55 -6.00
N PHE A 183 23.74 -10.26 -6.17
CA PHE A 183 22.73 -10.72 -5.22
C PHE A 183 21.81 -11.77 -5.84
N LYS A 184 21.53 -12.81 -5.07
CA LYS A 184 20.66 -13.89 -5.51
C LYS A 184 19.33 -13.83 -4.78
N LEU A 185 18.24 -13.64 -5.52
CA LEU A 185 16.91 -13.61 -4.94
C LEU A 185 16.56 -14.97 -4.33
N ARG A 186 16.03 -14.95 -3.12
CA ARG A 186 15.64 -16.17 -2.40
C ARG A 186 14.14 -16.14 -2.09
N PRO A 187 13.32 -16.58 -3.05
CA PRO A 187 11.86 -16.52 -2.90
C PRO A 187 11.34 -17.22 -1.64
N ASN A 188 11.91 -18.36 -1.30
CA ASN A 188 11.41 -19.12 -0.16
C ASN A 188 11.67 -18.44 1.19
N LEU A 189 12.55 -17.45 1.19
CA LEU A 189 12.84 -16.67 2.40
C LEU A 189 12.22 -15.28 2.33
N SER A 190 11.43 -15.04 1.30
CA SER A 190 10.82 -13.74 1.07
C SER A 190 9.37 -13.76 1.51
N GLU A 191 8.79 -12.57 1.67
CA GLU A 191 7.38 -12.45 2.00
C GLU A 191 6.57 -12.03 0.79
N PHE A 192 5.50 -12.77 0.51
CA PHE A 192 4.58 -12.45 -0.56
C PHE A 192 3.25 -11.99 0.00
N ILE A 193 2.52 -11.20 -0.78
CA ILE A 193 1.15 -10.83 -0.43
C ILE A 193 0.21 -11.15 -1.59
N ASP A 194 -1.04 -11.41 -1.25
CA ASP A 194 -2.09 -11.63 -2.23
C ASP A 194 -2.37 -10.35 -2.99
N VAL A 195 -2.62 -10.48 -4.29
CA VAL A 195 -3.02 -9.36 -5.13
C VAL A 195 -4.16 -9.81 -6.03
N GLN A 196 -5.09 -8.90 -6.29
CA GLN A 196 -6.17 -9.18 -7.23
C GLN A 196 -6.51 -7.89 -7.94
N LYS A 197 -6.75 -7.97 -9.24
CA LYS A 197 -7.22 -6.81 -9.98
C LYS A 197 -8.72 -6.95 -10.21
N VAL A 198 -9.44 -5.86 -10.02
CA VAL A 198 -10.88 -5.84 -10.14
C VAL A 198 -11.29 -4.66 -11.02
N GLU A 199 -12.00 -4.95 -12.10
CA GLU A 199 -12.50 -3.88 -12.96
C GLU A 199 -13.92 -3.51 -12.58
N ILE A 200 -14.16 -2.23 -12.33
CA ILE A 200 -15.50 -1.75 -12.05
C ILE A 200 -15.98 -0.82 -13.17
N GLN A 201 -17.29 -0.68 -13.27
CA GLN A 201 -17.90 0.16 -14.29
C GLN A 201 -18.91 1.11 -13.67
N GLU A 202 -19.10 2.28 -14.28
CA GLU A 202 -20.07 3.23 -13.79
C GLU A 202 -21.46 2.61 -13.82
N ASP A 203 -22.26 2.92 -12.81
CA ASP A 203 -23.64 2.45 -12.75
C ASP A 203 -24.46 3.19 -13.80
N PRO A 204 -25.00 2.45 -14.79
CA PRO A 204 -25.78 3.08 -15.86
C PRO A 204 -26.96 3.89 -15.32
N PRO A 213 -21.04 3.91 -20.10
CA PRO A 213 -20.42 3.83 -18.77
C PRO A 213 -18.95 3.47 -18.86
N GLN A 214 -18.10 4.24 -18.18
CA GLN A 214 -16.66 4.02 -18.25
C GLN A 214 -16.19 3.03 -17.17
N ARG A 215 -15.00 2.50 -17.35
CA ARG A 215 -14.47 1.49 -16.43
C ARG A 215 -13.12 1.91 -15.86
N ILE A 216 -12.79 1.35 -14.70
CA ILE A 216 -11.47 1.55 -14.14
C ILE A 216 -11.09 0.32 -13.34
N THR A 217 -9.80 0.02 -13.31
CA THR A 217 -9.31 -1.13 -12.56
C THR A 217 -8.85 -0.74 -11.18
N ILE A 218 -9.18 -1.60 -10.21
CA ILE A 218 -8.79 -1.41 -8.83
C ILE A 218 -7.80 -2.52 -8.49
N ILE A 219 -6.71 -2.15 -7.84
CA ILE A 219 -5.76 -3.13 -7.32
C ILE A 219 -6.08 -3.33 -5.84
N THR A 220 -6.41 -4.57 -5.48
CA THR A 220 -6.66 -4.91 -4.08
C THR A 220 -5.56 -5.84 -3.60
N GLU A 221 -4.92 -5.49 -2.49
CA GLU A 221 -3.79 -6.27 -2.00
C GLU A 221 -4.01 -6.78 -0.59
N ASP A 222 -3.32 -7.88 -0.28
CA ASP A 222 -3.28 -8.44 1.07
C ASP A 222 -4.69 -8.70 1.60
N ASP A 223 -5.06 -8.07 2.72
CA ASP A 223 -6.35 -8.32 3.35
C ASP A 223 -7.54 -7.88 2.49
N LEU A 224 -7.29 -7.07 1.48
CA LEU A 224 -8.36 -6.60 0.61
C LEU A 224 -8.56 -7.48 -0.64
N ALA A 225 -7.61 -8.37 -0.91
CA ALA A 225 -7.74 -9.25 -2.07
C ALA A 225 -8.78 -10.35 -1.82
N GLY A 226 -9.49 -10.73 -2.87
CA GLY A 226 -10.43 -11.84 -2.81
C GLY A 226 -11.77 -11.48 -2.19
N LEU A 227 -12.13 -10.20 -2.22
CA LEU A 227 -13.37 -9.74 -1.61
C LEU A 227 -14.44 -9.34 -2.62
N LEU A 228 -14.02 -8.98 -3.83
CA LEU A 228 -14.94 -8.42 -4.80
C LEU A 228 -15.24 -9.39 -5.95
N TYR A 229 -16.51 -9.47 -6.32
CA TYR A 229 -16.97 -10.38 -7.36
C TYR A 229 -17.88 -9.65 -8.34
N PRO A 230 -18.01 -10.18 -9.57
CA PRO A 230 -18.85 -9.52 -10.56
C PRO A 230 -20.28 -9.30 -10.09
N GLY A 231 -20.78 -8.08 -10.29
CA GLY A 231 -22.12 -7.71 -9.85
C GLY A 231 -22.11 -6.92 -8.56
N ASN A 232 -21.03 -7.01 -7.78
CA ASN A 232 -20.93 -6.29 -6.52
C ASN A 232 -20.99 -4.78 -6.74
N ARG A 233 -21.74 -4.10 -5.89
CA ARG A 233 -21.74 -2.65 -5.89
C ARG A 233 -20.77 -2.17 -4.83
N VAL A 234 -19.76 -1.39 -5.25
CA VAL A 234 -18.68 -1.03 -4.34
C VAL A 234 -18.38 0.46 -4.34
N ILE A 235 -17.87 0.91 -3.19
CA ILE A 235 -17.23 2.22 -3.09
C ILE A 235 -15.82 1.96 -2.62
N VAL A 236 -14.85 2.44 -3.38
CA VAL A 236 -13.45 2.20 -3.06
C VAL A 236 -12.74 3.52 -2.81
N ASP A 237 -12.07 3.60 -1.67
CA ASP A 237 -11.19 4.72 -1.37
C ASP A 237 -9.77 4.26 -1.68
N GLY A 238 -9.05 5.03 -2.49
CA GLY A 238 -7.73 4.59 -2.91
C GLY A 238 -6.87 5.67 -3.51
N ILE A 239 -5.63 5.32 -3.80
CA ILE A 239 -4.69 6.24 -4.42
C ILE A 239 -4.77 6.07 -5.93
N LEU A 240 -4.99 7.18 -6.63
CA LEU A 240 -5.05 7.13 -8.09
C LEU A 240 -3.65 7.01 -8.66
N ARG A 241 -3.45 5.97 -9.47
CA ARG A 241 -2.14 5.69 -10.05
C ARG A 241 -2.22 5.68 -11.56
N THR A 242 -1.07 5.63 -12.22
CA THR A 242 -1.02 5.56 -13.67
C THR A 242 -0.23 4.33 -14.12
N GLU A 243 -0.65 3.77 -15.26
CA GLU A 243 0.03 2.63 -15.86
C GLU A 243 0.29 2.92 -17.32
N GLN A 244 1.49 2.57 -17.79
CA GLN A 244 1.91 2.91 -19.15
C GLN A 244 1.28 1.99 -20.19
N ARG A 245 0.77 2.60 -21.27
CA ARG A 245 0.31 1.82 -22.41
C ARG A 245 1.53 1.35 -23.19
N ARG A 246 1.46 0.14 -23.72
CA ARG A 246 2.53 -0.40 -24.56
C ARG A 246 1.96 -1.00 -25.83
N GLN A 247 2.49 -0.59 -26.97
CA GLN A 247 2.10 -1.18 -28.24
C GLN A 247 3.06 -2.30 -28.59
N GLY A 248 3.02 -3.36 -27.79
CA GLY A 248 3.92 -4.50 -27.96
C GLY A 248 5.37 -4.06 -27.97
N ASN A 249 6.01 -4.14 -26.79
CA ASN A 249 7.43 -3.80 -26.63
C ASN A 249 7.71 -2.30 -26.54
N ILE A 250 7.13 -1.53 -27.47
CA ILE A 250 7.45 -0.11 -27.57
C ILE A 250 6.79 0.71 -26.46
N PRO A 251 7.56 1.59 -25.80
CA PRO A 251 7.07 2.46 -24.74
C PRO A 251 6.31 3.66 -25.30
N LEU A 252 5.09 3.88 -24.80
CA LEU A 252 4.28 5.00 -25.26
C LEU A 252 4.17 6.07 -24.19
N THR A 253 3.77 7.26 -24.59
CA THR A 253 3.54 8.35 -23.64
C THR A 253 2.08 8.36 -23.18
N GLU A 254 1.24 7.53 -23.80
CA GLU A 254 -0.13 7.39 -23.36
C GLU A 254 -0.19 6.46 -22.14
N PHE A 255 -0.86 6.93 -21.08
CA PHE A 255 -1.03 6.14 -19.88
C PHE A 255 -2.52 5.95 -19.62
N PHE A 256 -2.85 5.15 -18.64
CA PHE A 256 -4.23 5.09 -18.15
C PHE A 256 -4.19 5.07 -16.62
N THR A 257 -5.26 5.50 -15.99
CA THR A 257 -5.32 5.53 -14.55
C THR A 257 -5.91 4.24 -13.98
N TYR A 258 -5.50 3.91 -12.77
CA TYR A 258 -6.11 2.82 -12.01
C TYR A 258 -6.08 3.22 -10.54
N LEU A 259 -6.84 2.51 -9.71
CA LEU A 259 -6.97 2.87 -8.31
C LEU A 259 -6.34 1.80 -7.43
N TYR A 260 -5.42 2.24 -6.56
CA TYR A 260 -4.85 1.35 -5.55
C TYR A 260 -5.69 1.43 -4.29
N ALA A 261 -6.37 0.33 -3.97
CA ALA A 261 -7.37 0.33 -2.91
C ALA A 261 -6.77 0.49 -1.52
N ILE A 262 -7.33 1.42 -0.75
CA ILE A 262 -6.97 1.59 0.66
C ILE A 262 -8.10 1.10 1.56
N ASN A 263 -9.33 1.27 1.09
CA ASN A 263 -10.52 0.86 1.84
C ASN A 263 -11.63 0.49 0.87
N VAL A 264 -12.39 -0.54 1.19
CA VAL A 264 -13.45 -1.03 0.31
C VAL A 264 -14.74 -1.25 1.09
N ARG A 265 -15.86 -0.81 0.52
CA ARG A 265 -17.17 -1.03 1.11
C ARG A 265 -18.14 -1.55 0.06
N LYS A 266 -19.01 -2.47 0.46
CA LYS A 266 -19.99 -3.07 -0.44
C LYS A 266 -21.41 -2.86 0.05
N ASP A 267 -22.37 -2.92 -0.88
CA ASP A 267 -23.79 -2.88 -0.51
C ASP A 267 -24.60 -3.65 -1.54
N VAL A 268 -25.83 -4.02 -1.17
CA VAL A 268 -26.70 -4.76 -2.06
C VAL A 268 -27.88 -3.89 -2.49
#